data_7OKM
#
_entry.id   7OKM
#
_cell.length_a   68.490
_cell.length_b   68.490
_cell.length_c   167.476
_cell.angle_alpha   90.000
_cell.angle_beta   90.000
_cell.angle_gamma   120.000
#
_symmetry.space_group_name_H-M   'P 61 2 2'
#
loop_
_entity.id
_entity.type
_entity.pdbx_description
1 polymer 'B-cell lymphoma 6 protein'
2 polymer ALA-TRP-VAL-ILE-PRO-ALA
3 non-polymer 2-chloranyl-4-[[1-methyl-2-oxidanylidene-4-(2-pyrimidin-2-ylpropan-2-ylamino)quinolin-6-yl]amino]pyridine-3-carbonitrile
4 non-polymer 1,2-ETHANEDIOL
5 non-polymer 'DIMETHYL SULFOXIDE'
6 non-polymer 'CHLORIDE ION'
7 water water
#
loop_
_entity_poly.entity_id
_entity_poly.type
_entity_poly.pdbx_seq_one_letter_code
_entity_poly.pdbx_strand_id
1 'polypeptide(L)'
;GPGADSCIQFTRHASDVLLNLNRLRSRDILTDVVIVVSREQFRAHKTVLMACSGLFYSIFTDQLKCNLSVINLDPEINPE
GFCILLDFMYTSRLNLREGNIMAVMATAMYLQMEHVVDTCRKFIKASE
;
A
2 'polypeptide(L)' AWVIPA B
#
# COMPACT_ATOMS: atom_id res chain seq x y z
N ALA A 4 -2.04 -29.90 1.99
CA ALA A 4 -2.97 -31.00 1.74
C ALA A 4 -4.28 -30.51 1.11
N ASP A 5 -4.97 -31.43 0.40
CA ASP A 5 -6.25 -31.18 -0.26
C ASP A 5 -7.44 -31.24 0.72
N SER A 6 -7.19 -31.69 1.97
CA SER A 6 -8.19 -31.84 3.03
C SER A 6 -8.34 -30.61 3.98
N CYS A 7 -7.72 -29.46 3.62
N CYS A 7 -7.72 -29.46 3.63
CA CYS A 7 -7.77 -28.24 4.44
CA CYS A 7 -7.77 -28.27 4.48
C CYS A 7 -9.18 -27.64 4.52
C CYS A 7 -9.12 -27.55 4.47
N ILE A 8 -9.44 -26.92 5.60
CA ILE A 8 -10.67 -26.16 5.78
C ILE A 8 -10.16 -24.68 5.76
N GLN A 9 -11.02 -23.73 5.40
CA GLN A 9 -10.58 -22.34 5.30
C GLN A 9 -11.42 -21.32 6.08
N PHE A 10 -10.75 -20.38 6.76
N PHE A 10 -10.75 -20.35 6.68
CA PHE A 10 -11.47 -19.35 7.53
CA PHE A 10 -11.42 -19.33 7.47
C PHE A 10 -11.57 -18.09 6.65
C PHE A 10 -11.55 -18.08 6.60
N THR A 11 -12.79 -17.83 6.12
CA THR A 11 -13.12 -16.74 5.19
C THR A 11 -12.57 -15.36 5.58
N ARG A 12 -12.72 -14.98 6.87
CA ARG A 12 -12.32 -13.64 7.32
C ARG A 12 -10.85 -13.50 7.74
N HIS A 13 -10.07 -14.60 7.73
CA HIS A 13 -8.69 -14.57 8.23
C HIS A 13 -7.80 -13.47 7.59
N ALA A 14 -7.74 -13.40 6.24
CA ALA A 14 -6.87 -12.39 5.58
C ALA A 14 -7.24 -10.94 5.98
N SER A 15 -8.56 -10.64 6.08
N SER A 15 -8.55 -10.63 6.09
N SER A 15 -8.55 -10.64 6.10
CA SER A 15 -9.00 -9.30 6.50
CA SER A 15 -9.03 -9.30 6.49
CA SER A 15 -9.06 -9.33 6.50
C SER A 15 -8.63 -9.01 7.97
C SER A 15 -8.71 -9.01 7.97
C SER A 15 -8.69 -9.02 7.96
N ASP A 16 -8.75 -10.04 8.84
CA ASP A 16 -8.41 -9.91 10.28
C ASP A 16 -6.89 -9.63 10.44
N VAL A 17 -6.05 -10.31 9.60
CA VAL A 17 -4.59 -10.06 9.62
C VAL A 17 -4.30 -8.60 9.17
N LEU A 18 -4.90 -8.15 8.07
CA LEU A 18 -4.67 -6.80 7.54
C LEU A 18 -5.07 -5.72 8.55
N LEU A 19 -6.21 -5.93 9.25
CA LEU A 19 -6.65 -4.98 10.28
C LEU A 19 -5.56 -4.84 11.38
N ASN A 20 -4.98 -5.97 11.82
CA ASN A 20 -3.92 -5.94 12.84
C ASN A 20 -2.65 -5.29 12.31
N LEU A 21 -2.29 -5.50 11.02
CA LEU A 21 -1.11 -4.83 10.44
C LEU A 21 -1.31 -3.29 10.45
N ASN A 22 -2.55 -2.82 10.15
CA ASN A 22 -2.82 -1.38 10.20
C ASN A 22 -2.77 -0.83 11.66
N ARG A 23 -3.24 -1.63 12.65
CA ARG A 23 -3.18 -1.23 14.07
C ARG A 23 -1.71 -1.09 14.49
N LEU A 24 -0.84 -2.04 14.05
CA LEU A 24 0.60 -1.95 14.36
C LEU A 24 1.19 -0.66 13.74
N ARG A 25 0.82 -0.35 12.46
CA ARG A 25 1.29 0.89 11.83
C ARG A 25 0.84 2.16 12.62
N SER A 26 -0.44 2.22 13.04
N SER A 26 -0.44 2.21 13.04
N SER A 26 -0.44 2.21 13.04
CA SER A 26 -0.98 3.37 13.78
CA SER A 26 -1.02 3.33 13.80
CA SER A 26 -1.02 3.33 13.80
C SER A 26 -0.28 3.60 15.13
C SER A 26 -0.25 3.60 15.10
C SER A 26 -0.30 3.59 15.13
N ARG A 27 0.19 2.52 15.78
CA ARG A 27 0.91 2.57 17.06
C ARG A 27 2.44 2.59 16.90
N ASP A 28 2.91 2.61 15.65
CA ASP A 28 4.33 2.64 15.29
C ASP A 28 5.11 1.42 15.85
N ILE A 29 4.45 0.24 15.80
CA ILE A 29 5.05 -0.99 16.31
C ILE A 29 5.71 -1.79 15.18
N LEU A 30 7.03 -2.02 15.34
N LEU A 30 7.03 -2.04 15.34
CA LEU A 30 7.94 -2.76 14.45
CA LEU A 30 7.87 -2.83 14.41
C LEU A 30 8.00 -2.23 13.00
C LEU A 30 7.99 -2.24 12.99
N THR A 31 7.69 -0.93 12.82
CA THR A 31 7.85 -0.23 11.54
C THR A 31 9.39 -0.17 11.31
N ASP A 32 9.84 -0.39 10.05
CA ASP A 32 11.27 -0.53 9.76
C ASP A 32 11.77 0.32 8.58
N VAL A 33 10.95 1.27 8.12
CA VAL A 33 11.34 2.17 7.02
C VAL A 33 10.55 3.46 7.08
N VAL A 34 11.18 4.57 6.66
CA VAL A 34 10.53 5.87 6.49
C VAL A 34 10.56 6.17 4.99
N ILE A 35 9.38 6.45 4.40
CA ILE A 35 9.25 6.84 2.99
C ILE A 35 9.12 8.37 2.99
N VAL A 36 10.04 9.08 2.28
CA VAL A 36 10.05 10.54 2.20
C VAL A 36 9.50 10.98 0.84
N VAL A 37 8.47 11.85 0.87
CA VAL A 37 7.78 12.38 -0.31
C VAL A 37 7.77 13.92 -0.14
N SER A 38 8.70 14.60 -0.81
N SER A 38 8.76 14.57 -0.75
CA SER A 38 8.75 16.07 -0.77
CA SER A 38 8.95 16.00 -0.60
C SER A 38 8.77 16.61 0.65
C SER A 38 9.21 16.27 0.88
N ARG A 39 9.62 16.02 1.49
N ARG A 39 8.51 17.21 1.48
CA ARG A 39 9.81 16.35 2.91
CA ARG A 39 8.74 17.46 2.90
C ARG A 39 8.66 15.93 3.86
C ARG A 39 8.30 16.30 3.83
N GLU A 40 7.72 15.14 3.36
N GLU A 40 7.19 15.66 3.48
CA GLU A 40 6.65 14.58 4.18
CA GLU A 40 6.56 14.61 4.27
C GLU A 40 7.14 13.15 4.45
C GLU A 40 7.25 13.26 4.50
N GLN A 41 7.04 12.71 5.69
CA GLN A 41 7.57 11.41 6.10
C GLN A 41 6.46 10.45 6.47
N PHE A 42 6.56 9.18 5.99
CA PHE A 42 5.55 8.14 6.29
C PHE A 42 6.25 6.88 6.80
N ARG A 43 5.91 6.43 8.03
CA ARG A 43 6.49 5.21 8.60
C ARG A 43 5.68 3.99 8.15
N ALA A 44 6.37 2.86 7.83
CA ALA A 44 5.67 1.66 7.35
C ALA A 44 6.49 0.38 7.60
N HIS A 45 5.92 -0.77 7.19
CA HIS A 45 6.59 -2.08 7.27
C HIS A 45 7.00 -2.45 5.83
N LYS A 46 8.30 -2.73 5.62
CA LYS A 46 8.80 -3.11 4.29
C LYS A 46 7.99 -4.28 3.66
N THR A 47 7.65 -5.32 4.46
CA THR A 47 6.90 -6.47 3.92
C THR A 47 5.54 -6.08 3.35
N VAL A 48 4.81 -5.15 4.00
CA VAL A 48 3.50 -4.71 3.48
C VAL A 48 3.70 -3.91 2.17
N LEU A 49 4.70 -2.99 2.15
CA LEU A 49 4.99 -2.21 0.94
C LEU A 49 5.30 -3.13 -0.26
N MET A 50 6.17 -4.14 -0.06
CA MET A 50 6.56 -5.11 -1.11
C MET A 50 5.35 -5.91 -1.60
N ALA A 51 4.47 -6.32 -0.66
CA ALA A 51 3.29 -7.12 -0.99
C ALA A 51 2.27 -6.35 -1.86
N CYS A 52 2.33 -5.00 -1.84
CA CYS A 52 1.36 -4.13 -2.52
C CYS A 52 1.87 -3.34 -3.74
N SER A 53 3.17 -3.40 -4.06
CA SER A 53 3.75 -2.52 -5.08
C SER A 53 4.91 -3.16 -5.83
N GLY A 54 4.89 -3.08 -7.16
CA GLY A 54 5.98 -3.58 -7.99
C GLY A 54 7.27 -2.81 -7.74
N LEU A 55 7.15 -1.49 -7.49
CA LEU A 55 8.32 -0.65 -7.21
C LEU A 55 8.98 -1.05 -5.88
N PHE A 56 8.19 -1.14 -4.78
CA PHE A 56 8.77 -1.52 -3.47
C PHE A 56 9.27 -2.97 -3.46
N TYR A 57 8.63 -3.88 -4.22
CA TYR A 57 9.10 -5.27 -4.33
C TYR A 57 10.53 -5.29 -4.93
N SER A 58 10.75 -4.48 -5.99
N SER A 58 10.75 -4.47 -5.98
CA SER A 58 12.06 -4.39 -6.62
CA SER A 58 12.04 -4.34 -6.66
C SER A 58 13.10 -3.76 -5.67
C SER A 58 13.10 -3.71 -5.73
N ILE A 59 12.73 -2.65 -4.98
CA ILE A 59 13.63 -1.95 -4.04
C ILE A 59 14.09 -2.85 -2.88
N PHE A 60 13.15 -3.50 -2.18
CA PHE A 60 13.54 -4.25 -0.99
C PHE A 60 14.04 -5.69 -1.27
N THR A 61 14.12 -6.13 -2.55
CA THR A 61 14.76 -7.42 -2.91
C THR A 61 16.21 -7.15 -3.42
N ASP A 62 16.59 -5.85 -3.58
CA ASP A 62 17.94 -5.47 -3.98
C ASP A 62 18.88 -5.69 -2.78
N GLN A 63 20.04 -6.30 -3.02
CA GLN A 63 21.03 -6.65 -1.99
C GLN A 63 21.57 -5.45 -1.19
N LEU A 64 21.57 -4.23 -1.76
CA LEU A 64 21.98 -3.02 -1.04
C LEU A 64 20.79 -2.25 -0.45
N LYS A 65 19.74 -1.99 -1.25
CA LYS A 65 18.60 -1.19 -0.81
C LYS A 65 17.73 -1.87 0.28
N CYS A 66 17.76 -3.22 0.37
CA CYS A 66 17.00 -3.97 1.40
C CYS A 66 17.36 -3.54 2.82
N ASN A 67 18.59 -3.02 3.02
CA ASN A 67 19.09 -2.62 4.34
C ASN A 67 18.92 -1.12 4.66
N LEU A 68 18.37 -0.33 3.73
CA LEU A 68 18.17 1.09 3.98
C LEU A 68 16.96 1.33 4.90
N SER A 69 17.06 2.34 5.81
CA SER A 69 16.00 2.69 6.74
CA SER A 69 15.97 2.68 6.72
C SER A 69 15.15 3.88 6.23
N VAL A 70 15.64 4.56 5.17
CA VAL A 70 15.00 5.73 4.55
C VAL A 70 15.01 5.57 3.02
N ILE A 71 13.85 5.78 2.37
CA ILE A 71 13.72 5.74 0.90
C ILE A 71 13.09 7.06 0.44
N ASN A 72 13.77 7.80 -0.47
CA ASN A 72 13.28 9.06 -1.01
C ASN A 72 12.59 8.83 -2.37
N LEU A 73 11.31 9.23 -2.51
CA LEU A 73 10.59 9.09 -3.78
C LEU A 73 10.89 10.28 -4.70
N ASP A 74 10.61 10.11 -6.01
CA ASP A 74 10.81 11.15 -7.03
C ASP A 74 10.10 12.46 -6.59
N PRO A 75 10.77 13.64 -6.75
CA PRO A 75 10.14 14.91 -6.31
C PRO A 75 8.80 15.30 -6.96
N GLU A 76 8.47 14.67 -8.10
N GLU A 76 8.46 14.67 -8.09
CA GLU A 76 7.19 14.94 -8.79
CA GLU A 76 7.20 14.92 -8.79
C GLU A 76 6.00 14.22 -8.14
C GLU A 76 6.00 14.23 -8.12
N ILE A 77 6.25 13.27 -7.21
CA ILE A 77 5.18 12.53 -6.50
C ILE A 77 4.50 13.41 -5.45
N ASN A 78 3.16 13.44 -5.50
CA ASN A 78 2.31 14.20 -4.61
C ASN A 78 2.17 13.49 -3.24
N PRO A 79 2.50 14.15 -2.09
CA PRO A 79 2.34 13.49 -0.78
C PRO A 79 0.93 13.00 -0.45
N GLU A 80 -0.12 13.77 -0.80
CA GLU A 80 -1.50 13.34 -0.55
C GLU A 80 -1.85 12.06 -1.34
N GLY A 81 -1.42 12.01 -2.60
CA GLY A 81 -1.61 10.83 -3.46
C GLY A 81 -0.94 9.61 -2.86
N PHE A 82 0.31 9.78 -2.35
CA PHE A 82 1.01 8.68 -1.69
C PHE A 82 0.27 8.22 -0.41
N CYS A 83 -0.16 9.19 0.43
CA CYS A 83 -0.89 8.92 1.68
C CYS A 83 -2.15 8.07 1.41
N ILE A 84 -2.93 8.45 0.38
CA ILE A 84 -4.15 7.72 -0.01
C ILE A 84 -3.82 6.26 -0.40
N LEU A 85 -2.72 6.08 -1.18
CA LEU A 85 -2.34 4.72 -1.60
C LEU A 85 -1.78 3.88 -0.44
N LEU A 86 -1.02 4.52 0.49
CA LEU A 86 -0.49 3.82 1.68
C LEU A 86 -1.69 3.33 2.54
N ASP A 87 -2.71 4.19 2.74
CA ASP A 87 -3.92 3.80 3.48
C ASP A 87 -4.61 2.62 2.78
N PHE A 88 -4.67 2.64 1.43
CA PHE A 88 -5.27 1.53 0.66
C PHE A 88 -4.50 0.21 0.92
N MET A 89 -3.15 0.27 0.88
CA MET A 89 -2.33 -0.93 1.10
C MET A 89 -2.72 -1.63 2.41
N TYR A 90 -2.91 -0.83 3.48
CA TYR A 90 -3.19 -1.33 4.83
C TYR A 90 -4.68 -1.56 5.17
N THR A 91 -5.62 -1.24 4.24
CA THR A 91 -7.05 -1.39 4.56
C THR A 91 -7.96 -1.98 3.48
N SER A 92 -7.51 -1.98 2.19
N SER A 92 -7.51 -1.98 2.19
CA SER A 92 -8.28 -2.38 0.98
CA SER A 92 -8.28 -2.37 0.99
C SER A 92 -9.23 -1.23 0.50
C SER A 92 -9.25 -1.25 0.52
N ARG A 93 -9.31 -0.11 1.25
N ARG A 93 -9.26 -0.10 1.24
CA ARG A 93 -10.18 1.03 0.96
CA ARG A 93 -10.14 1.03 0.95
C ARG A 93 -9.43 2.20 0.31
C ARG A 93 -9.39 2.18 0.28
N LEU A 94 -9.89 2.63 -0.87
CA LEU A 94 -9.28 3.71 -1.66
C LEU A 94 -10.16 4.96 -1.67
N ASN A 95 -9.64 6.08 -1.11
CA ASN A 95 -10.38 7.35 -1.03
C ASN A 95 -10.22 8.16 -2.33
N LEU A 96 -10.93 7.74 -3.38
CA LEU A 96 -10.88 8.36 -4.70
C LEU A 96 -11.95 9.46 -4.80
N ARG A 97 -11.49 10.71 -5.06
CA ARG A 97 -12.36 11.90 -5.15
C ARG A 97 -11.98 12.71 -6.40
N GLU A 98 -12.92 13.54 -6.90
CA GLU A 98 -12.66 14.37 -8.08
C GLU A 98 -11.35 15.19 -7.95
N GLY A 99 -11.13 15.75 -6.76
CA GLY A 99 -9.97 16.59 -6.47
C GLY A 99 -8.64 15.87 -6.29
N ASN A 100 -8.63 14.54 -6.18
CA ASN A 100 -7.38 13.80 -5.98
C ASN A 100 -7.08 12.71 -7.04
N ILE A 101 -8.07 12.37 -7.90
CA ILE A 101 -7.93 11.24 -8.84
C ILE A 101 -6.68 11.33 -9.76
N MET A 102 -6.37 12.52 -10.31
CA MET A 102 -5.19 12.65 -11.17
C MET A 102 -3.89 12.33 -10.43
N ALA A 103 -3.74 12.84 -9.20
CA ALA A 103 -2.57 12.58 -8.35
C ALA A 103 -2.50 11.09 -7.93
N VAL A 104 -3.65 10.48 -7.58
CA VAL A 104 -3.70 9.06 -7.20
C VAL A 104 -3.27 8.18 -8.38
N MET A 105 -3.79 8.45 -9.60
N MET A 105 -3.80 8.44 -9.59
CA MET A 105 -3.44 7.65 -10.78
CA MET A 105 -3.46 7.67 -10.79
C MET A 105 -1.94 7.74 -11.09
C MET A 105 -1.95 7.74 -11.11
N ALA A 106 -1.37 8.97 -11.12
CA ALA A 106 0.07 9.16 -11.40
C ALA A 106 0.95 8.46 -10.33
N THR A 107 0.54 8.51 -9.06
CA THR A 107 1.28 7.83 -7.98
C THR A 107 1.20 6.30 -8.14
N ALA A 108 0.01 5.75 -8.50
CA ALA A 108 -0.17 4.30 -8.70
C ALA A 108 0.65 3.79 -9.90
N MET A 109 0.80 4.62 -10.96
CA MET A 109 1.62 4.26 -12.12
C MET A 109 3.11 4.12 -11.69
N TYR A 110 3.60 5.08 -10.88
CA TYR A 110 4.96 5.10 -10.35
C TYR A 110 5.20 3.90 -9.41
N LEU A 111 4.26 3.65 -8.51
CA LEU A 111 4.35 2.55 -7.54
C LEU A 111 4.12 1.17 -8.14
N GLN A 112 3.68 1.12 -9.40
CA GLN A 112 3.35 -0.13 -10.10
C GLN A 112 2.22 -0.95 -9.44
N MET A 113 1.05 -0.32 -9.33
CA MET A 113 -0.16 -0.92 -8.81
C MET A 113 -1.18 -0.87 -9.97
N GLU A 114 -1.19 -1.91 -10.80
CA GLU A 114 -1.98 -2.02 -12.04
C GLU A 114 -3.49 -1.87 -11.92
N HIS A 115 -4.15 -2.63 -11.03
CA HIS A 115 -5.62 -2.58 -10.89
C HIS A 115 -6.11 -1.18 -10.43
N VAL A 116 -5.34 -0.48 -9.56
CA VAL A 116 -5.65 0.88 -9.12
C VAL A 116 -5.59 1.85 -10.31
N VAL A 117 -4.53 1.75 -11.15
CA VAL A 117 -4.39 2.57 -12.37
C VAL A 117 -5.62 2.39 -13.28
N ASP A 118 -6.01 1.12 -13.53
CA ASP A 118 -7.16 0.75 -14.38
C ASP A 118 -8.48 1.33 -13.87
N THR A 119 -8.72 1.29 -12.54
CA THR A 119 -9.94 1.83 -11.92
C THR A 119 -9.97 3.35 -12.05
N CYS A 120 -8.81 4.03 -11.85
CA CYS A 120 -8.71 5.48 -12.00
C CYS A 120 -9.08 5.88 -13.42
N ARG A 121 -8.52 5.14 -14.43
CA ARG A 121 -8.79 5.40 -15.85
C ARG A 121 -10.28 5.30 -16.17
N LYS A 122 -10.97 4.28 -15.62
CA LYS A 122 -12.41 4.05 -15.83
C LYS A 122 -13.25 5.18 -15.23
N PHE A 123 -12.90 5.65 -14.01
CA PHE A 123 -13.61 6.74 -13.34
C PHE A 123 -13.44 8.08 -14.09
N ILE A 124 -12.24 8.34 -14.65
CA ILE A 124 -11.98 9.55 -15.43
C ILE A 124 -12.77 9.52 -16.76
N LYS A 125 -12.75 8.37 -17.47
CA LYS A 125 -13.46 8.18 -18.74
C LYS A 125 -14.97 8.40 -18.62
N ALA A 126 -15.56 8.04 -17.46
CA ALA A 126 -17.00 8.18 -17.19
C ALA A 126 -17.42 9.66 -17.06
N SER A 127 -16.51 10.55 -16.62
CA SER A 127 -16.79 11.98 -16.47
C SER A 127 -16.56 12.81 -17.74
N GLU A 128 -15.89 12.22 -18.75
CA GLU A 128 -15.60 12.88 -20.03
C GLU A 128 -16.85 13.06 -20.89
CA ALA B 1 -16.71 -18.94 9.70
C ALA B 1 -15.75 -19.76 8.83
N TRP B 2 -15.90 -21.09 8.86
N TRP B 2 -15.85 -21.10 8.89
CA TRP B 2 -15.07 -22.04 8.13
CA TRP B 2 -15.02 -21.99 8.08
C TRP B 2 -15.81 -22.63 6.92
C TRP B 2 -15.80 -22.53 6.90
N VAL B 3 -15.09 -22.88 5.83
CA VAL B 3 -15.68 -23.45 4.61
C VAL B 3 -14.74 -24.45 3.94
N ILE B 4 -15.26 -25.18 2.96
CA ILE B 4 -14.45 -26.09 2.16
C ILE B 4 -14.02 -25.21 0.98
N PRO B 5 -12.71 -24.92 0.87
CA PRO B 5 -12.27 -24.02 -0.19
C PRO B 5 -12.35 -24.58 -1.62
N ALA B 6 -12.67 -23.71 -2.57
#